data_5VYD
#
_entry.id   5VYD
#
_cell.length_a   74.649
_cell.length_b   96.400
_cell.length_c   108.639
_cell.angle_alpha   90.000
_cell.angle_beta   90.000
_cell.angle_gamma   90.000
#
_symmetry.space_group_name_H-M   'P 21 21 21'
#
loop_
_entity.id
_entity.type
_entity.pdbx_description
1 polymer Phosphodiesterase
2 non-polymer 'ZINC ION'
3 non-polymer 'MAGNESIUM ION'
4 water water
#
_entity_poly.entity_id   1
_entity_poly.type   'polypeptide(L)'
_entity_poly.pdbx_seq_one_letter_code
;DAEKLAASSLFTWDFDALDKSDEDLTAVCVRVFQELHVIEQFNIDEKKLRKWLQKVRTQYNKNPFHNWRHAVMVLHTTYL
LLTSVATEFITEVELLAMLIAALSHDLDHNGLTNAFHINSRSELALVYNDQSVLENHHSHLAFEILLEKGCNVVENLDED
EFKRLRAVIINCILNTDMATHHTKLSKMEEVNRLGGFINLAENNDQRLFVLAVLLHTADLHNPIKPFESNKRWSARLQKE
FNNQVELEAKMNLPSLPFMRGNDEESLAKGEIGFINFVVKPWHQQLSQAFPKLDFLLDTIDANLAEWKAIAESYRQMH
;
_entity_poly.pdbx_strand_id   A,B
#
# COMPACT_ATOMS: atom_id res chain seq x y z
N LEU A 5 23.26 28.17 -22.74
CA LEU A 5 21.99 28.88 -22.55
C LEU A 5 21.81 29.26 -21.09
N ALA A 6 21.37 30.51 -20.86
CA ALA A 6 21.19 31.00 -19.50
C ALA A 6 20.10 30.20 -18.78
N ALA A 7 20.24 30.09 -17.47
CA ALA A 7 19.28 29.33 -16.67
C ALA A 7 17.88 29.94 -16.75
N SER A 8 17.79 31.26 -16.57
CA SER A 8 16.49 31.94 -16.66
C SER A 8 15.91 31.89 -18.06
N SER A 9 16.66 31.40 -19.05
CA SER A 9 16.15 31.17 -20.39
C SER A 9 15.78 29.72 -20.65
N LEU A 10 16.49 28.77 -20.05
CA LEU A 10 16.12 27.36 -20.15
C LEU A 10 15.00 27.02 -19.17
N PHE A 11 15.08 27.56 -17.96
CA PHE A 11 14.16 27.20 -16.88
C PHE A 11 12.99 28.19 -16.83
N THR A 12 12.15 28.09 -17.85
CA THR A 12 10.91 28.84 -17.95
C THR A 12 9.74 27.88 -18.07
N TRP A 13 8.53 28.44 -17.96
CA TRP A 13 7.31 27.64 -17.94
C TRP A 13 6.79 27.29 -19.33
N ASP A 14 7.55 27.57 -20.39
CA ASP A 14 7.17 27.20 -21.75
C ASP A 14 7.95 26.00 -22.25
N PHE A 15 8.76 25.39 -21.41
CA PHE A 15 9.58 24.25 -21.82
C PHE A 15 8.71 23.07 -22.23
N ASP A 16 9.05 22.45 -23.35
CA ASP A 16 8.42 21.21 -23.78
C ASP A 16 9.49 20.30 -24.36
N ALA A 17 9.62 19.11 -23.77
CA ALA A 17 10.61 18.13 -24.24
C ALA A 17 10.26 17.55 -25.61
N LEU A 18 9.04 17.80 -26.11
CA LEU A 18 8.64 17.26 -27.40
C LEU A 18 9.53 17.76 -28.53
N ASP A 19 10.05 18.99 -28.41
CA ASP A 19 10.80 19.64 -29.46
C ASP A 19 12.31 19.47 -29.30
N LYS A 20 12.74 18.52 -28.48
CA LYS A 20 14.15 18.37 -28.16
C LYS A 20 14.63 16.98 -28.55
N SER A 21 15.92 16.88 -28.87
CA SER A 21 16.56 15.61 -29.18
C SER A 21 16.99 14.91 -27.89
N ASP A 22 17.32 13.62 -28.02
CA ASP A 22 17.80 12.87 -26.87
C ASP A 22 19.06 13.49 -26.28
N GLU A 23 19.94 14.01 -27.14
CA GLU A 23 21.17 14.63 -26.65
C GLU A 23 20.87 15.87 -25.82
N ASP A 24 19.97 16.72 -26.30
CA ASP A 24 19.61 17.92 -25.55
C ASP A 24 18.89 17.57 -24.26
N LEU A 25 18.07 16.52 -24.28
CA LEU A 25 17.33 16.13 -23.08
C LEU A 25 18.26 15.66 -21.97
N THR A 26 19.29 14.89 -22.33
CA THR A 26 20.31 14.53 -21.35
C THR A 26 21.00 15.77 -20.79
N ALA A 27 21.23 16.77 -21.65
CA ALA A 27 21.86 18.01 -21.19
C ALA A 27 20.94 18.76 -20.22
N VAL A 28 19.65 18.84 -20.54
CA VAL A 28 18.70 19.52 -19.66
C VAL A 28 18.70 18.88 -18.28
N CYS A 29 18.68 17.55 -18.23
CA CYS A 29 18.69 16.85 -16.94
C CYS A 29 19.95 17.17 -16.15
N VAL A 30 21.10 17.23 -16.82
CA VAL A 30 22.34 17.57 -16.14
C VAL A 30 22.27 18.98 -15.56
N ARG A 31 21.82 19.94 -16.37
CA ARG A 31 21.71 21.32 -15.91
C ARG A 31 20.87 21.41 -14.64
N VAL A 32 19.81 20.60 -14.55
CA VAL A 32 18.97 20.61 -13.35
C VAL A 32 19.77 20.17 -12.13
N PHE A 33 20.63 19.16 -12.30
CA PHE A 33 21.50 18.75 -11.19
C PHE A 33 22.56 19.82 -10.91
N GLN A 34 23.05 20.51 -11.93
CA GLN A 34 24.05 21.56 -11.72
C GLN A 34 23.46 22.71 -10.91
N GLU A 35 22.29 23.21 -11.32
CA GLU A 35 21.74 24.42 -10.74
C GLU A 35 21.32 24.22 -9.28
N LEU A 36 20.96 23.00 -8.90
CA LEU A 36 20.53 22.73 -7.54
C LEU A 36 21.68 22.34 -6.62
N HIS A 37 22.90 22.25 -7.16
CA HIS A 37 24.14 22.03 -6.40
C HIS A 37 24.17 20.68 -5.69
N VAL A 38 23.32 19.74 -6.10
CA VAL A 38 23.33 18.43 -5.46
C VAL A 38 24.55 17.61 -5.87
N ILE A 39 25.21 17.99 -6.97
CA ILE A 39 26.40 17.25 -7.40
C ILE A 39 27.56 17.50 -6.44
N GLU A 40 27.88 18.77 -6.17
CA GLU A 40 28.96 19.05 -5.23
CA GLU A 40 28.94 19.08 -5.22
C GLU A 40 28.55 18.73 -3.79
N GLN A 41 27.26 18.79 -3.48
CA GLN A 41 26.81 18.50 -2.11
C GLN A 41 27.10 17.05 -1.73
N PHE A 42 26.82 16.12 -2.63
CA PHE A 42 27.00 14.69 -2.35
C PHE A 42 28.13 14.08 -3.17
N ASN A 43 28.97 14.91 -3.78
CA ASN A 43 30.14 14.44 -4.55
C ASN A 43 29.72 13.41 -5.60
N ILE A 44 28.71 13.76 -6.39
CA ILE A 44 28.17 12.84 -7.37
C ILE A 44 29.17 12.65 -8.50
N ASP A 45 29.53 11.41 -8.76
CA ASP A 45 30.36 11.08 -9.91
C ASP A 45 29.58 11.37 -11.19
N GLU A 46 30.13 12.24 -12.05
CA GLU A 46 29.43 12.60 -13.28
C GLU A 46 29.42 11.46 -14.28
N LYS A 47 30.30 10.49 -14.14
CA LYS A 47 30.23 9.30 -14.98
C LYS A 47 29.07 8.41 -14.56
N LYS A 48 28.81 8.32 -13.25
CA LYS A 48 27.66 7.57 -12.78
C LYS A 48 26.36 8.31 -13.02
N LEU A 49 26.37 9.65 -12.92
CA LEU A 49 25.17 10.42 -13.24
C LEU A 49 24.79 10.26 -14.71
N ARG A 50 25.79 10.28 -15.60
CA ARG A 50 25.51 10.12 -17.02
C ARG A 50 25.05 8.70 -17.33
N LYS A 51 25.61 7.70 -16.65
CA LYS A 51 25.17 6.33 -16.88
C LYS A 51 23.76 6.11 -16.32
N TRP A 52 23.46 6.71 -15.17
CA TRP A 52 22.12 6.58 -14.60
C TRP A 52 21.08 7.25 -15.51
N LEU A 53 21.36 8.46 -15.98
CA LEU A 53 20.46 9.13 -16.90
C LEU A 53 20.23 8.31 -18.16
N GLN A 54 21.24 7.55 -18.58
CA GLN A 54 21.13 6.72 -19.77
C GLN A 54 20.27 5.49 -19.51
N LYS A 55 20.48 4.81 -18.38
CA LYS A 55 19.71 3.61 -18.07
C LYS A 55 18.26 3.94 -17.74
N VAL A 56 18.00 5.11 -17.14
CA VAL A 56 16.62 5.54 -16.91
C VAL A 56 15.92 5.74 -18.25
N ARG A 57 16.56 6.45 -19.19
CA ARG A 57 15.93 6.74 -20.47
C ARG A 57 15.62 5.47 -21.25
N THR A 58 16.57 4.54 -21.30
CA THR A 58 16.34 3.30 -22.04
C THR A 58 15.33 2.40 -21.34
N GLN A 59 15.16 2.54 -20.02
CA GLN A 59 14.16 1.77 -19.29
C GLN A 59 12.74 2.30 -19.49
N TYR A 60 12.59 3.49 -20.06
CA TYR A 60 11.29 3.93 -20.55
C TYR A 60 11.02 3.30 -21.91
N ASN A 61 9.73 3.08 -22.17
CA ASN A 61 9.30 2.49 -23.43
C ASN A 61 8.75 3.58 -24.35
N LYS A 62 8.62 3.23 -25.63
CA LYS A 62 8.22 4.20 -26.65
C LYS A 62 6.69 4.23 -26.74
N ASN A 63 6.08 4.91 -25.78
CA ASN A 63 4.64 5.17 -25.77
C ASN A 63 4.37 6.57 -26.29
N PRO A 64 3.13 6.86 -26.69
CA PRO A 64 2.80 8.25 -27.07
C PRO A 64 2.98 9.24 -25.94
N PHE A 65 2.51 8.91 -24.73
CA PHE A 65 2.58 9.84 -23.60
C PHE A 65 3.63 9.42 -22.58
N HIS A 66 3.48 8.24 -21.97
CA HIS A 66 4.33 7.82 -20.86
C HIS A 66 5.69 7.35 -21.38
N ASN A 67 6.47 8.31 -21.84
CA ASN A 67 7.78 8.09 -22.43
C ASN A 67 8.83 8.90 -21.67
N TRP A 68 10.08 8.82 -22.15
CA TRP A 68 11.17 9.52 -21.50
C TRP A 68 10.98 11.03 -21.55
N ARG A 69 10.33 11.54 -22.60
CA ARG A 69 10.09 12.97 -22.65
C ARG A 69 9.11 13.42 -21.59
N HIS A 70 8.11 12.58 -21.26
CA HIS A 70 7.23 12.90 -20.15
C HIS A 70 8.01 12.97 -18.84
N ALA A 71 8.98 12.06 -18.66
CA ALA A 71 9.76 12.06 -17.42
C ALA A 71 10.62 13.32 -17.31
N VAL A 72 11.18 13.77 -18.43
CA VAL A 72 11.96 15.01 -18.41
C VAL A 72 11.05 16.21 -18.19
N MET A 73 9.83 16.18 -18.75
CA MET A 73 8.86 17.22 -18.47
C MET A 73 8.54 17.29 -16.97
N VAL A 74 8.38 16.13 -16.33
CA VAL A 74 8.08 16.12 -14.90
C VAL A 74 9.26 16.63 -14.10
N LEU A 75 10.48 16.22 -14.46
CA LEU A 75 11.66 16.71 -13.76
C LEU A 75 11.82 18.22 -13.92
N HIS A 76 11.74 18.71 -15.16
CA HIS A 76 11.87 20.14 -15.39
C HIS A 76 10.80 20.92 -14.64
N THR A 77 9.55 20.45 -14.68
CA THR A 77 8.48 21.13 -13.95
C THR A 77 8.69 21.04 -12.45
N THR A 78 9.15 19.89 -11.96
CA THR A 78 9.48 19.77 -10.54
C THR A 78 10.57 20.75 -10.15
N TYR A 79 11.58 20.93 -11.02
CA TYR A 79 12.60 21.94 -10.78
C TYR A 79 11.97 23.31 -10.59
N LEU A 80 11.04 23.68 -11.47
CA LEU A 80 10.41 24.99 -11.37
C LEU A 80 9.57 25.12 -10.09
N LEU A 81 8.82 24.07 -9.76
CA LEU A 81 7.98 24.12 -8.57
C LEU A 81 8.82 24.25 -7.31
N LEU A 82 9.83 23.41 -7.16
CA LEU A 82 10.68 23.46 -5.98
C LEU A 82 11.44 24.80 -5.91
N THR A 83 11.99 25.24 -7.04
CA THR A 83 12.72 26.51 -7.07
C THR A 83 11.83 27.67 -6.66
N SER A 84 10.55 27.62 -7.04
CA SER A 84 9.66 28.74 -6.78
C SER A 84 9.07 28.73 -5.38
N VAL A 85 9.00 27.58 -4.73
CA VAL A 85 8.13 27.45 -3.56
C VAL A 85 8.84 26.81 -2.36
N ALA A 86 9.76 25.89 -2.61
CA ALA A 86 10.27 25.01 -1.56
C ALA A 86 11.70 25.31 -1.13
N THR A 87 12.34 26.33 -1.69
CA THR A 87 13.77 26.54 -1.45
C THR A 87 14.09 26.84 0.01
N GLU A 88 13.09 27.16 0.84
CA GLU A 88 13.35 27.53 2.22
C GLU A 88 12.79 26.54 3.23
N PHE A 89 12.56 25.28 2.81
CA PHE A 89 12.31 24.23 3.80
C PHE A 89 12.81 22.86 3.33
N ILE A 90 12.94 22.65 2.01
CA ILE A 90 13.40 21.35 1.53
C ILE A 90 14.87 21.14 1.87
N THR A 91 15.21 19.93 2.26
CA THR A 91 16.60 19.62 2.60
C THR A 91 17.39 19.29 1.34
N GLU A 92 18.71 19.22 1.49
CA GLU A 92 19.56 18.85 0.37
C GLU A 92 19.32 17.41 -0.07
N VAL A 93 19.00 16.52 0.87
CA VAL A 93 18.71 15.13 0.53
C VAL A 93 17.38 15.04 -0.22
N GLU A 94 16.35 15.73 0.29
CA GLU A 94 15.04 15.67 -0.35
C GLU A 94 15.08 16.29 -1.75
N LEU A 95 15.93 17.30 -1.95
CA LEU A 95 16.07 17.90 -3.27
C LEU A 95 16.60 16.89 -4.29
N LEU A 96 17.64 16.15 -3.92
CA LEU A 96 18.15 15.10 -4.80
C LEU A 96 17.11 14.01 -4.98
N ALA A 97 16.37 13.67 -3.91
CA ALA A 97 15.36 12.63 -4.00
C ALA A 97 14.28 13.00 -5.02
N MET A 98 13.85 14.27 -5.03
CA MET A 98 12.82 14.71 -5.97
C MET A 98 13.30 14.63 -7.41
N LEU A 99 14.60 14.83 -7.64
CA LEU A 99 15.14 14.70 -8.99
C LEU A 99 15.07 13.26 -9.46
N ILE A 100 15.45 12.31 -8.59
CA ILE A 100 15.40 10.90 -8.94
C ILE A 100 13.95 10.43 -9.07
N ALA A 101 13.06 10.95 -8.23
CA ALA A 101 11.67 10.52 -8.26
C ALA A 101 10.98 11.01 -9.52
N ALA A 102 11.21 12.25 -9.92
CA ALA A 102 10.55 12.79 -11.10
C ALA A 102 10.99 12.04 -12.36
N LEU A 103 12.28 11.76 -12.48
CA LEU A 103 12.78 11.09 -13.68
C LEU A 103 12.38 9.62 -13.73
N SER A 104 12.15 9.00 -12.58
CA SER A 104 11.89 7.56 -12.49
C SER A 104 10.43 7.21 -12.25
N HIS A 105 9.54 8.20 -12.17
CA HIS A 105 8.20 7.98 -11.64
C HIS A 105 7.29 7.18 -12.57
N ASP A 106 7.67 6.99 -13.84
CA ASP A 106 6.86 6.22 -14.78
C ASP A 106 7.71 5.17 -15.50
N LEU A 107 8.74 4.65 -14.83
CA LEU A 107 9.63 3.69 -15.47
C LEU A 107 8.87 2.45 -15.94
N ASP A 108 9.17 2.02 -17.17
CA ASP A 108 8.62 0.82 -17.78
C ASP A 108 7.11 0.90 -18.02
N HIS A 109 6.55 2.11 -18.00
CA HIS A 109 5.15 2.28 -18.35
C HIS A 109 4.89 1.76 -19.76
N ASN A 110 3.74 1.12 -19.96
CA ASN A 110 3.39 0.54 -21.26
C ASN A 110 2.15 1.15 -21.89
N GLY A 111 1.71 2.32 -21.40
CA GLY A 111 0.52 2.95 -21.91
C GLY A 111 -0.77 2.37 -21.40
N LEU A 112 -0.72 1.53 -20.38
CA LEU A 112 -1.89 0.88 -19.81
C LEU A 112 -2.09 1.33 -18.38
N THR A 113 -3.34 1.47 -17.97
CA THR A 113 -3.66 1.97 -16.64
C THR A 113 -3.65 0.83 -15.62
N ASN A 114 -3.69 1.23 -14.34
CA ASN A 114 -3.84 0.26 -13.25
C ASN A 114 -5.07 -0.61 -13.44
N ALA A 115 -6.17 -0.01 -13.92
CA ALA A 115 -7.39 -0.77 -14.11
C ALA A 115 -7.17 -1.91 -15.09
N PHE A 116 -6.35 -1.69 -16.12
CA PHE A 116 -6.04 -2.77 -17.05
C PHE A 116 -5.35 -3.92 -16.34
N HIS A 117 -4.35 -3.62 -15.53
CA HIS A 117 -3.65 -4.67 -14.79
C HIS A 117 -4.60 -5.41 -13.87
N ILE A 118 -5.43 -4.67 -13.13
CA ILE A 118 -6.36 -5.30 -12.19
C ILE A 118 -7.39 -6.16 -12.92
N ASN A 119 -7.95 -5.64 -14.01
CA ASN A 119 -8.99 -6.37 -14.72
C ASN A 119 -8.41 -7.58 -15.47
N SER A 120 -7.20 -7.45 -16.00
CA SER A 120 -6.58 -8.55 -16.72
C SER A 120 -5.92 -9.56 -15.80
N ARG A 121 -5.90 -9.31 -14.49
CA ARG A 121 -5.27 -10.21 -13.52
C ARG A 121 -3.80 -10.40 -13.86
N SER A 122 -3.13 -9.28 -14.16
CA SER A 122 -1.76 -9.35 -14.67
C SER A 122 -0.80 -9.79 -13.58
N GLU A 123 0.41 -10.15 -14.00
CA GLU A 123 1.45 -10.53 -13.05
C GLU A 123 1.72 -9.41 -12.06
N LEU A 124 1.82 -8.17 -12.56
CA LEU A 124 2.05 -7.03 -11.67
C LEU A 124 0.91 -6.85 -10.68
N ALA A 125 -0.33 -7.05 -11.12
CA ALA A 125 -1.46 -6.93 -10.21
C ALA A 125 -1.44 -8.03 -9.16
N LEU A 126 -0.99 -9.23 -9.52
CA LEU A 126 -0.89 -10.31 -8.54
C LEU A 126 0.21 -10.01 -7.51
N VAL A 127 1.37 -9.57 -7.98
CA VAL A 127 2.48 -9.28 -7.07
C VAL A 127 2.08 -8.20 -6.07
N TYR A 128 1.44 -7.13 -6.54
CA TYR A 128 1.17 -5.96 -5.73
C TYR A 128 -0.25 -5.92 -5.18
N ASN A 129 -1.00 -7.03 -5.25
CA ASN A 129 -2.33 -7.13 -4.65
C ASN A 129 -3.24 -5.98 -5.06
N ASP A 130 -3.16 -5.58 -6.33
CA ASP A 130 -4.00 -4.55 -6.94
C ASP A 130 -3.78 -3.16 -6.35
N GLN A 131 -2.77 -2.98 -5.49
CA GLN A 131 -2.53 -1.70 -4.82
C GLN A 131 -1.48 -0.91 -5.58
N SER A 132 -1.88 0.22 -6.16
CA SER A 132 -0.99 1.13 -6.88
C SER A 132 0.02 0.35 -7.73
N VAL A 133 -0.52 -0.46 -8.63
CA VAL A 133 0.27 -1.48 -9.32
C VAL A 133 1.39 -0.84 -10.12
N LEU A 134 1.04 0.05 -11.05
CA LEU A 134 2.04 0.74 -11.85
C LEU A 134 3.06 1.45 -10.98
N GLU A 135 2.59 2.25 -10.02
CA GLU A 135 3.48 3.10 -9.24
C GLU A 135 4.44 2.28 -8.39
N ASN A 136 3.96 1.18 -7.83
CA ASN A 136 4.85 0.26 -7.12
C ASN A 136 5.92 -0.29 -8.06
N HIS A 137 5.54 -0.58 -9.31
CA HIS A 137 6.50 -1.11 -10.27
C HIS A 137 7.52 -0.03 -10.65
N HIS A 138 7.07 1.21 -10.82
CA HIS A 138 8.00 2.30 -11.15
C HIS A 138 9.00 2.51 -10.03
N SER A 139 8.52 2.58 -8.79
CA SER A 139 9.40 2.84 -7.66
C SER A 139 10.40 1.70 -7.46
N HIS A 140 9.91 0.45 -7.52
CA HIS A 140 10.80 -0.70 -7.41
C HIS A 140 11.91 -0.64 -8.46
N LEU A 141 11.56 -0.38 -9.72
CA LEU A 141 12.58 -0.27 -10.77
C LEU A 141 13.51 0.90 -10.50
N ALA A 142 12.98 2.00 -9.96
CA ALA A 142 13.80 3.18 -9.71
C ALA A 142 15.00 2.83 -8.85
N PHE A 143 14.82 1.99 -7.83
CA PHE A 143 15.92 1.63 -6.96
C PHE A 143 16.79 0.53 -7.57
N GLU A 144 16.21 -0.35 -8.39
CA GLU A 144 17.01 -1.34 -9.08
C GLU A 144 18.03 -0.68 -10.02
N ILE A 145 17.64 0.44 -10.65
CA ILE A 145 18.59 1.17 -11.48
C ILE A 145 19.55 1.97 -10.61
N LEU A 146 19.01 2.66 -9.60
CA LEU A 146 19.81 3.56 -8.78
C LEU A 146 20.86 2.81 -7.97
N LEU A 147 20.62 1.54 -7.67
CA LEU A 147 21.53 0.77 -6.83
C LEU A 147 22.39 -0.21 -7.61
N GLU A 148 22.44 -0.07 -8.94
CA GLU A 148 23.49 -0.70 -9.70
C GLU A 148 24.77 0.11 -9.53
N LYS A 149 25.89 -0.59 -9.31
CA LYS A 149 27.13 0.06 -8.88
C LYS A 149 27.54 1.19 -9.82
N GLY A 150 27.45 0.97 -11.14
CA GLY A 150 27.81 1.99 -12.09
C GLY A 150 26.82 3.11 -12.26
N CYS A 151 25.69 3.07 -11.54
CA CYS A 151 24.68 4.13 -11.64
C CYS A 151 24.36 4.74 -10.29
N ASN A 152 25.12 4.42 -9.24
CA ASN A 152 24.77 4.81 -7.87
C ASN A 152 25.09 6.29 -7.69
N VAL A 153 24.13 7.13 -8.13
CA VAL A 153 24.25 8.57 -7.94
C VAL A 153 24.27 8.95 -6.47
N VAL A 154 23.68 8.10 -5.62
CA VAL A 154 23.54 8.41 -4.20
C VAL A 154 24.51 7.59 -3.36
N GLU A 155 25.67 7.22 -3.94
CA GLU A 155 26.59 6.33 -3.25
C GLU A 155 27.25 6.97 -2.04
N ASN A 156 27.31 8.30 -1.99
CA ASN A 156 28.03 9.00 -0.93
C ASN A 156 27.13 9.41 0.23
N LEU A 157 25.81 9.24 0.12
CA LEU A 157 24.93 9.57 1.23
C LEU A 157 25.13 8.57 2.37
N ASP A 158 25.11 9.07 3.60
CA ASP A 158 25.27 8.20 4.76
C ASP A 158 23.99 7.39 4.97
N GLU A 159 23.93 6.68 6.10
CA GLU A 159 22.83 5.76 6.33
C GLU A 159 21.50 6.49 6.51
N ASP A 160 21.49 7.55 7.32
CA ASP A 160 20.24 8.25 7.59
C ASP A 160 19.78 9.07 6.39
N GLU A 161 20.72 9.57 5.59
CA GLU A 161 20.34 10.35 4.41
C GLU A 161 19.68 9.47 3.36
N PHE A 162 20.21 8.26 3.14
CA PHE A 162 19.61 7.37 2.16
C PHE A 162 18.25 6.87 2.62
N LYS A 163 18.06 6.68 3.93
CA LYS A 163 16.74 6.29 4.43
C LYS A 163 15.72 7.38 4.15
N ARG A 164 16.10 8.65 4.35
CA ARG A 164 15.20 9.75 4.03
C ARG A 164 14.98 9.87 2.53
N LEU A 165 16.07 9.78 1.74
CA LEU A 165 15.95 9.87 0.29
C LEU A 165 15.04 8.77 -0.26
N ARG A 166 15.19 7.55 0.25
CA ARG A 166 14.37 6.44 -0.24
C ARG A 166 12.91 6.61 0.16
N ALA A 167 12.66 7.03 1.40
CA ALA A 167 11.28 7.27 1.83
C ALA A 167 10.63 8.38 1.01
N VAL A 168 11.40 9.40 0.60
CA VAL A 168 10.83 10.49 -0.20
C VAL A 168 10.54 10.00 -1.62
N ILE A 169 11.47 9.24 -2.21
CA ILE A 169 11.24 8.73 -3.57
C ILE A 169 10.02 7.82 -3.59
N ILE A 170 9.91 6.93 -2.62
CA ILE A 170 8.78 6.00 -2.58
C ILE A 170 7.47 6.76 -2.43
N ASN A 171 7.39 7.64 -1.43
CA ASN A 171 6.14 8.33 -1.14
C ASN A 171 5.70 9.20 -2.31
N CYS A 172 6.64 9.88 -2.96
CA CYS A 172 6.28 10.77 -4.07
C CYS A 172 5.82 9.98 -5.28
N ILE A 173 6.52 8.90 -5.62
CA ILE A 173 6.12 8.10 -6.78
C ILE A 173 4.77 7.44 -6.52
N LEU A 174 4.59 6.86 -5.34
CA LEU A 174 3.31 6.21 -5.01
C LEU A 174 2.16 7.21 -5.06
N ASN A 175 2.40 8.47 -4.72
CA ASN A 175 1.35 9.48 -4.74
C ASN A 175 1.13 10.09 -6.11
N THR A 176 1.77 9.58 -7.16
CA THR A 176 1.35 9.94 -8.51
C THR A 176 0.18 9.10 -8.99
N ASP A 177 -0.22 8.09 -8.23
CA ASP A 177 -1.41 7.31 -8.55
C ASP A 177 -2.65 8.19 -8.38
N MET A 178 -3.45 8.31 -9.44
CA MET A 178 -4.63 9.16 -9.39
C MET A 178 -5.63 8.69 -8.34
N ALA A 179 -5.58 7.42 -7.94
CA ALA A 179 -6.48 6.91 -6.91
C ALA A 179 -6.25 7.58 -5.55
N THR A 180 -5.10 8.20 -5.34
CA THR A 180 -4.84 8.94 -4.11
C THR A 180 -4.92 10.46 -4.31
N HIS A 181 -5.45 10.91 -5.45
CA HIS A 181 -5.55 12.35 -5.70
C HIS A 181 -6.46 13.03 -4.69
N HIS A 182 -7.69 12.52 -4.54
CA HIS A 182 -8.64 13.16 -3.65
C HIS A 182 -8.23 13.04 -2.19
N THR A 183 -7.44 12.02 -1.83
CA THR A 183 -6.86 11.96 -0.49
C THR A 183 -5.98 13.19 -0.23
N LYS A 184 -5.13 13.53 -1.20
CA LYS A 184 -4.25 14.69 -1.02
C LYS A 184 -5.00 15.99 -1.18
N LEU A 185 -6.07 16.01 -1.97
CA LEU A 185 -6.89 17.22 -2.10
C LEU A 185 -7.57 17.55 -0.77
N SER A 186 -8.13 16.54 -0.10
CA SER A 186 -8.82 16.78 1.16
C SER A 186 -7.87 17.26 2.24
N LYS A 187 -6.68 16.64 2.34
CA LYS A 187 -5.67 17.13 3.27
C LYS A 187 -5.28 18.57 2.96
N MET A 188 -5.22 18.91 1.67
CA MET A 188 -4.84 20.26 1.28
C MET A 188 -5.90 21.27 1.68
N GLU A 189 -7.18 20.90 1.58
CA GLU A 189 -8.25 21.80 2.00
C GLU A 189 -8.20 22.05 3.50
N GLU A 190 -7.91 21.01 4.29
CA GLU A 190 -7.79 21.18 5.73
C GLU A 190 -6.60 22.05 6.09
N VAL A 191 -5.50 21.96 5.35
CA VAL A 191 -4.34 22.80 5.62
C VAL A 191 -4.66 24.26 5.36
N ASN A 192 -5.35 24.55 4.24
CA ASN A 192 -5.71 25.93 3.95
C ASN A 192 -6.74 26.47 4.93
N ARG A 193 -7.50 25.59 5.59
CA ARG A 193 -8.54 26.08 6.50
C ARG A 193 -7.96 26.61 7.79
N LEU A 194 -6.80 26.11 8.24
CA LEU A 194 -6.17 26.65 9.44
C LEU A 194 -4.93 27.48 9.11
N GLY A 195 -4.94 28.15 7.95
CA GLY A 195 -3.95 29.16 7.63
C GLY A 195 -2.88 28.74 6.64
N GLY A 196 -2.67 27.44 6.46
CA GLY A 196 -1.64 26.96 5.57
C GLY A 196 -0.53 26.24 6.33
N PHE A 197 0.54 25.96 5.61
CA PHE A 197 1.68 25.25 6.18
C PHE A 197 2.51 26.17 7.06
N ILE A 198 2.94 25.65 8.21
CA ILE A 198 3.80 26.38 9.13
C ILE A 198 4.93 25.46 9.57
N ASN A 199 6.13 26.02 9.69
CA ASN A 199 7.30 25.32 10.23
C ASN A 199 7.56 24.01 9.48
N LEU A 200 7.62 24.11 8.14
CA LEU A 200 7.78 22.91 7.32
C LEU A 200 9.14 22.26 7.53
N ALA A 201 10.16 23.05 7.90
CA ALA A 201 11.48 22.48 8.14
C ALA A 201 11.54 21.67 9.41
N GLU A 202 10.58 21.85 10.32
CA GLU A 202 10.53 21.10 11.57
C GLU A 202 9.66 19.84 11.48
N ASN A 203 8.83 19.73 10.45
CA ASN A 203 7.83 18.68 10.33
C ASN A 203 8.19 17.82 9.13
N ASN A 204 8.88 16.70 9.39
CA ASN A 204 9.33 15.84 8.30
C ASN A 204 8.17 15.14 7.61
N ASP A 205 7.08 14.88 8.33
CA ASP A 205 5.94 14.20 7.74
C ASP A 205 5.14 15.13 6.83
N GLN A 206 4.84 16.35 7.29
CA GLN A 206 4.08 17.27 6.46
C GLN A 206 4.92 17.79 5.30
N ARG A 207 6.23 17.97 5.51
CA ARG A 207 7.09 18.40 4.41
C ARG A 207 7.15 17.33 3.32
N LEU A 208 7.22 16.06 3.72
CA LEU A 208 7.15 14.98 2.74
C LEU A 208 5.82 15.01 2.00
N PHE A 209 4.74 15.32 2.71
CA PHE A 209 3.44 15.47 2.06
C PHE A 209 3.47 16.58 1.02
N VAL A 210 4.14 17.69 1.34
CA VAL A 210 4.25 18.78 0.38
C VAL A 210 5.00 18.34 -0.86
N LEU A 211 6.07 17.56 -0.67
CA LEU A 211 6.84 17.07 -1.81
C LEU A 211 5.99 16.17 -2.69
N ALA A 212 5.24 15.25 -2.09
CA ALA A 212 4.33 14.41 -2.87
C ALA A 212 3.31 15.26 -3.62
N VAL A 213 2.80 16.31 -2.97
CA VAL A 213 1.87 17.22 -3.62
C VAL A 213 2.51 17.91 -4.81
N LEU A 214 3.79 18.26 -4.69
CA LEU A 214 4.47 18.97 -5.77
C LEU A 214 4.81 18.04 -6.93
N LEU A 215 5.26 16.82 -6.64
CA LEU A 215 5.54 15.87 -7.72
C LEU A 215 4.26 15.53 -8.48
N HIS A 216 3.17 15.31 -7.74
CA HIS A 216 1.88 15.07 -8.37
C HIS A 216 1.48 16.26 -9.25
N THR A 217 1.71 17.49 -8.77
CA THR A 217 1.42 18.67 -9.58
C THR A 217 2.24 18.67 -10.86
N ALA A 218 3.53 18.36 -10.76
CA ALA A 218 4.40 18.36 -11.93
C ALA A 218 4.02 17.25 -12.90
N ASP A 219 3.50 16.13 -12.39
CA ASP A 219 3.05 15.05 -13.26
C ASP A 219 1.92 15.51 -14.18
N LEU A 220 1.05 16.39 -13.68
CA LEU A 220 -0.09 16.89 -14.45
C LEU A 220 0.28 18.20 -15.15
N HIS A 221 1.32 18.11 -15.98
CA HIS A 221 1.90 19.30 -16.60
C HIS A 221 1.16 19.75 -17.85
N ASN A 222 0.18 18.99 -18.34
CA ASN A 222 -0.48 19.37 -19.58
C ASN A 222 -1.26 20.68 -19.46
N PRO A 223 -2.18 20.85 -18.50
CA PRO A 223 -2.96 22.11 -18.46
C PRO A 223 -2.18 23.32 -17.94
N ILE A 224 -0.93 23.16 -17.53
CA ILE A 224 -0.14 24.27 -17.00
C ILE A 224 1.02 24.62 -17.92
N LYS A 225 0.93 24.25 -19.19
CA LYS A 225 1.89 24.60 -20.23
C LYS A 225 1.15 25.40 -21.31
N PRO A 226 1.85 26.05 -22.24
CA PRO A 226 1.16 26.70 -23.36
C PRO A 226 0.25 25.72 -24.08
N PHE A 227 -0.85 26.25 -24.64
CA PHE A 227 -1.91 25.40 -25.17
C PHE A 227 -1.41 24.46 -26.26
N GLU A 228 -0.42 24.89 -27.06
CA GLU A 228 0.11 24.01 -28.08
C GLU A 228 0.73 22.77 -27.45
N SER A 229 1.44 22.94 -26.33
CA SER A 229 1.97 21.80 -25.58
C SER A 229 0.83 20.99 -24.98
N ASN A 230 -0.13 21.67 -24.34
CA ASN A 230 -1.31 21.01 -23.79
C ASN A 230 -1.99 20.12 -24.83
N LYS A 231 -2.18 20.63 -26.05
CA LYS A 231 -2.92 19.88 -27.06
C LYS A 231 -2.14 18.65 -27.50
N ARG A 232 -0.83 18.80 -27.77
CA ARG A 232 -0.05 17.68 -28.26
C ARG A 232 0.03 16.55 -27.23
N TRP A 233 0.30 16.90 -25.98
CA TRP A 233 0.43 15.87 -24.94
C TRP A 233 -0.91 15.21 -24.65
N SER A 234 -1.98 15.99 -24.56
CA SER A 234 -3.29 15.41 -24.30
C SER A 234 -3.71 14.46 -25.42
N ALA A 235 -3.39 14.82 -26.68
CA ALA A 235 -3.70 13.94 -27.79
C ALA A 235 -2.87 12.66 -27.75
N ARG A 236 -1.64 12.74 -27.25
CA ARG A 236 -0.82 11.54 -27.08
C ARG A 236 -1.38 10.66 -25.97
N LEU A 237 -1.92 11.26 -24.90
CA LEU A 237 -2.57 10.48 -23.87
C LEU A 237 -3.85 9.84 -24.40
N GLN A 238 -4.62 10.59 -25.20
CA GLN A 238 -5.83 10.03 -25.80
C GLN A 238 -5.50 8.85 -26.70
N LYS A 239 -4.37 8.90 -27.40
CA LYS A 239 -3.96 7.78 -28.23
C LYS A 239 -3.68 6.54 -27.38
N GLU A 240 -3.08 6.74 -26.20
CA GLU A 240 -2.86 5.62 -25.30
C GLU A 240 -4.18 5.04 -24.81
N PHE A 241 -5.16 5.89 -24.51
CA PHE A 241 -6.46 5.41 -24.09
C PHE A 241 -7.15 4.61 -25.20
N ASN A 242 -7.10 5.12 -26.44
CA ASN A 242 -7.71 4.37 -27.54
C ASN A 242 -6.94 3.08 -27.79
N ASN A 243 -5.62 3.10 -27.64
CA ASN A 243 -4.84 1.88 -27.80
C ASN A 243 -5.22 0.84 -26.76
N GLN A 244 -5.44 1.26 -25.51
CA GLN A 244 -5.84 0.33 -24.47
C GLN A 244 -7.25 -0.21 -24.72
N VAL A 245 -8.13 0.62 -25.29
CA VAL A 245 -9.47 0.15 -25.65
C VAL A 245 -9.38 -0.98 -26.67
N GLU A 246 -8.52 -0.82 -27.67
CA GLU A 246 -8.34 -1.87 -28.69
C GLU A 246 -7.82 -3.14 -28.05
N LEU A 247 -6.81 -3.03 -27.18
CA LEU A 247 -6.25 -4.21 -26.55
C LEU A 247 -7.26 -4.87 -25.62
N GLU A 248 -8.02 -4.08 -24.87
CA GLU A 248 -9.04 -4.66 -23.98
C GLU A 248 -10.11 -5.39 -24.77
N ALA A 249 -10.40 -4.95 -26.00
CA ALA A 249 -11.36 -5.65 -26.84
C ALA A 249 -10.81 -7.00 -27.29
N LYS A 250 -9.57 -7.02 -27.78
CA LYS A 250 -8.95 -8.27 -28.20
C LYS A 250 -8.88 -9.28 -27.06
N MET A 251 -8.71 -8.80 -25.82
CA MET A 251 -8.69 -9.66 -24.65
C MET A 251 -10.08 -9.88 -24.06
N ASN A 252 -11.11 -9.23 -24.62
CA ASN A 252 -12.49 -9.34 -24.13
C ASN A 252 -12.58 -8.89 -22.67
N LEU A 253 -11.96 -7.76 -22.38
CA LEU A 253 -12.01 -7.10 -21.08
C LEU A 253 -12.88 -5.85 -21.15
N PRO A 254 -13.41 -5.38 -20.02
CA PRO A 254 -14.24 -4.17 -20.05
C PRO A 254 -13.41 -2.92 -20.23
N SER A 255 -13.95 -1.96 -20.98
CA SER A 255 -13.29 -0.70 -21.28
C SER A 255 -14.08 0.45 -20.71
N LEU A 256 -13.36 1.46 -20.20
CA LEU A 256 -14.01 2.65 -19.69
C LEU A 256 -14.47 3.55 -20.83
N PRO A 257 -15.62 4.22 -20.69
CA PRO A 257 -16.20 4.90 -21.86
C PRO A 257 -15.39 6.08 -22.35
N PHE A 258 -14.77 6.84 -21.44
CA PHE A 258 -14.05 8.04 -21.84
C PHE A 258 -12.76 7.73 -22.60
N MET A 259 -12.31 6.48 -22.61
CA MET A 259 -11.13 6.11 -23.37
C MET A 259 -11.43 5.80 -24.83
N ARG A 260 -12.71 5.71 -25.21
CA ARG A 260 -13.06 5.31 -26.56
C ARG A 260 -13.09 6.48 -27.54
N GLY A 261 -13.35 7.70 -27.06
CA GLY A 261 -13.32 8.87 -27.91
C GLY A 261 -11.97 9.09 -28.57
N ASN A 262 -11.96 9.31 -29.88
CA ASN A 262 -10.69 9.35 -30.62
C ASN A 262 -10.61 10.49 -31.63
N ASP A 263 -11.40 11.54 -31.48
CA ASP A 263 -11.35 12.69 -32.38
C ASP A 263 -11.07 13.97 -31.59
N GLU A 264 -11.04 15.09 -32.32
CA GLU A 264 -10.72 16.36 -31.68
C GLU A 264 -11.84 16.83 -30.76
N GLU A 265 -13.09 16.56 -31.11
CA GLU A 265 -14.21 16.96 -30.26
C GLU A 265 -14.16 16.25 -28.92
N SER A 266 -14.02 14.92 -28.92
CA SER A 266 -13.98 14.18 -27.67
C SER A 266 -12.69 14.45 -26.89
N LEU A 267 -11.63 14.86 -27.58
CA LEU A 267 -10.41 15.27 -26.88
C LEU A 267 -10.64 16.57 -26.12
N ALA A 268 -11.32 17.55 -26.74
CA ALA A 268 -11.63 18.79 -26.04
C ALA A 268 -12.66 18.56 -24.94
N LYS A 269 -13.67 17.74 -25.22
CA LYS A 269 -14.67 17.40 -24.19
C LYS A 269 -14.00 16.80 -22.96
N GLY A 270 -13.06 15.87 -23.17
CA GLY A 270 -12.42 15.22 -22.04
C GLY A 270 -11.52 16.13 -21.25
N GLU A 271 -10.74 16.97 -21.94
CA GLU A 271 -9.80 17.84 -21.24
C GLU A 271 -10.51 18.93 -20.45
N ILE A 272 -11.65 19.40 -20.96
CA ILE A 272 -12.47 20.35 -20.19
C ILE A 272 -12.94 19.69 -18.89
N GLY A 273 -13.36 18.43 -18.97
CA GLY A 273 -13.73 17.71 -17.76
C GLY A 273 -12.55 17.48 -16.83
N PHE A 274 -11.39 17.15 -17.40
CA PHE A 274 -10.21 16.93 -16.57
C PHE A 274 -9.78 18.20 -15.87
N ILE A 275 -9.83 19.34 -16.57
CA ILE A 275 -9.42 20.60 -15.96
C ILE A 275 -10.41 21.01 -14.88
N ASN A 276 -11.71 20.97 -15.18
CA ASN A 276 -12.71 21.49 -14.25
C ASN A 276 -12.83 20.63 -13.00
N PHE A 277 -12.58 19.32 -13.10
CA PHE A 277 -12.84 18.42 -11.99
C PHE A 277 -11.59 17.85 -11.35
N VAL A 278 -10.41 18.08 -11.92
CA VAL A 278 -9.19 17.56 -11.32
C VAL A 278 -8.17 18.68 -11.16
N VAL A 279 -7.73 19.26 -12.28
CA VAL A 279 -6.56 20.14 -12.26
C VAL A 279 -6.89 21.49 -11.62
N LYS A 280 -7.98 22.12 -12.08
CA LYS A 280 -8.28 23.47 -11.58
C LYS A 280 -8.62 23.47 -10.10
N PRO A 281 -9.50 22.61 -9.57
CA PRO A 281 -9.70 22.61 -8.11
C PRO A 281 -8.44 22.28 -7.34
N TRP A 282 -7.56 21.45 -7.90
CA TRP A 282 -6.29 21.15 -7.25
C TRP A 282 -5.43 22.41 -7.13
N HIS A 283 -5.21 23.10 -8.24
CA HIS A 283 -4.37 24.29 -8.23
C HIS A 283 -4.99 25.45 -7.47
N GLN A 284 -6.31 25.42 -7.27
CA GLN A 284 -6.93 26.44 -6.41
C GLN A 284 -6.53 26.23 -4.96
N GLN A 285 -6.42 24.97 -4.53
CA GLN A 285 -5.91 24.69 -3.19
C GLN A 285 -4.41 24.94 -3.13
N LEU A 286 -3.67 24.49 -4.14
CA LEU A 286 -2.23 24.69 -4.16
C LEU A 286 -1.87 26.18 -4.11
N SER A 287 -2.62 27.01 -4.84
CA SER A 287 -2.33 28.44 -4.89
C SER A 287 -2.57 29.11 -3.53
N GLN A 288 -3.55 28.64 -2.78
CA GLN A 288 -3.79 29.22 -1.46
C GLN A 288 -2.63 28.89 -0.52
N ALA A 289 -2.19 27.64 -0.49
CA ALA A 289 -1.05 27.27 0.34
C ALA A 289 0.23 27.92 -0.15
N PHE A 290 0.37 28.09 -1.47
CA PHE A 290 1.57 28.68 -2.06
C PHE A 290 1.16 29.77 -3.03
N PRO A 291 1.01 31.01 -2.54
CA PRO A 291 0.54 32.10 -3.42
C PRO A 291 1.46 32.38 -4.59
N LYS A 292 2.74 32.01 -4.50
CA LYS A 292 3.65 32.23 -5.62
C LYS A 292 3.28 31.41 -6.85
N LEU A 293 2.40 30.41 -6.71
CA LEU A 293 2.01 29.55 -7.83
C LEU A 293 0.66 29.91 -8.44
N ASP A 294 0.03 31.02 -8.02
CA ASP A 294 -1.29 31.31 -8.56
C ASP A 294 -1.26 31.82 -10.00
N PHE A 295 -0.07 32.12 -10.55
CA PHE A 295 0.00 32.43 -11.97
C PHE A 295 -0.36 31.22 -12.83
N LEU A 296 -0.27 30.01 -12.28
CA LEU A 296 -0.66 28.82 -13.02
C LEU A 296 -2.17 28.75 -13.22
N LEU A 297 -2.95 29.38 -12.32
CA LEU A 297 -4.39 29.47 -12.53
C LEU A 297 -4.72 30.24 -13.80
N ASP A 298 -3.89 31.22 -14.16
CA ASP A 298 -4.11 31.96 -15.40
C ASP A 298 -3.78 31.10 -16.62
N THR A 299 -2.73 30.29 -16.53
CA THR A 299 -2.42 29.35 -17.60
C THR A 299 -3.54 28.32 -17.75
N ILE A 300 -4.07 27.83 -16.62
CA ILE A 300 -5.15 26.84 -16.67
C ILE A 300 -6.41 27.46 -17.25
N ASP A 301 -6.72 28.70 -16.88
CA ASP A 301 -7.87 29.38 -17.46
C ASP A 301 -7.70 29.63 -18.94
N ALA A 302 -6.49 30.04 -19.36
CA ALA A 302 -6.25 30.30 -20.78
C ALA A 302 -6.45 29.03 -21.61
N ASN A 303 -5.89 27.91 -21.15
CA ASN A 303 -6.08 26.65 -21.86
C ASN A 303 -7.54 26.19 -21.80
N LEU A 304 -8.20 26.42 -20.67
CA LEU A 304 -9.61 26.05 -20.53
C LEU A 304 -10.46 26.79 -21.57
N ALA A 305 -10.24 28.09 -21.72
CA ALA A 305 -10.97 28.86 -22.72
C ALA A 305 -10.64 28.37 -24.11
N GLU A 306 -9.39 27.99 -24.36
CA GLU A 306 -9.01 27.48 -25.67
C GLU A 306 -9.67 26.14 -25.96
N TRP A 307 -9.79 25.29 -24.94
CA TRP A 307 -10.50 24.01 -25.14
C TRP A 307 -12.01 24.24 -25.30
N LYS A 308 -12.58 25.18 -24.54
CA LYS A 308 -14.00 25.47 -24.66
C LYS A 308 -14.35 26.03 -26.03
N ALA A 309 -13.43 26.76 -26.64
CA ALA A 309 -13.68 27.29 -27.98
C ALA A 309 -13.75 26.18 -29.01
N ILE A 310 -12.91 25.15 -28.87
CA ILE A 310 -12.94 24.03 -29.80
C ILE A 310 -14.22 23.24 -29.65
N ALA A 311 -14.60 22.93 -28.40
CA ALA A 311 -15.85 22.22 -28.16
C ALA A 311 -17.06 23.05 -28.54
N GLU A 312 -16.91 24.37 -28.64
CA GLU A 312 -17.97 25.25 -29.08
C GLU A 312 -18.18 25.15 -30.59
N SER A 313 -17.09 25.16 -31.37
CA SER A 313 -17.20 25.03 -32.81
C SER A 313 -17.76 23.67 -33.23
N TYR A 314 -17.74 22.68 -32.34
CA TYR A 314 -18.37 21.40 -32.62
C TYR A 314 -19.83 21.39 -32.21
N ARG A 315 -20.20 22.15 -31.17
CA ARG A 315 -21.61 22.33 -30.86
C ARG A 315 -22.32 23.07 -31.97
N GLN A 316 -21.64 24.08 -32.54
CA GLN A 316 -22.22 24.87 -33.62
C GLN A 316 -22.47 24.00 -34.85
N MET A 317 -21.43 23.35 -35.35
CA MET A 317 -21.52 22.49 -36.53
C MET A 317 -22.12 21.13 -36.15
N HIS A 318 -23.35 21.16 -35.67
CA HIS A 318 -24.05 19.96 -35.22
C HIS A 318 -24.30 18.99 -36.38
N ASP B 1 -28.74 -20.56 13.74
CA ASP B 1 -27.58 -20.57 12.84
C ASP B 1 -26.30 -20.24 13.60
N ALA B 2 -26.21 -19.02 14.11
CA ALA B 2 -25.08 -18.67 14.98
C ALA B 2 -25.18 -19.37 16.33
N GLU B 3 -26.40 -19.71 16.75
CA GLU B 3 -26.61 -20.47 17.99
C GLU B 3 -26.31 -21.94 17.78
N LYS B 4 -26.83 -22.51 16.69
CA LYS B 4 -26.53 -23.89 16.32
C LYS B 4 -25.07 -24.09 15.97
N LEU B 5 -24.37 -23.03 15.58
CA LEU B 5 -22.92 -23.08 15.42
C LEU B 5 -22.21 -23.03 16.76
N ALA B 6 -22.80 -22.33 17.74
CA ALA B 6 -22.19 -22.25 19.07
C ALA B 6 -22.33 -23.54 19.85
N ALA B 7 -23.28 -24.41 19.47
CA ALA B 7 -23.48 -25.68 20.16
C ALA B 7 -22.50 -26.75 19.72
N SER B 8 -21.73 -26.51 18.66
CA SER B 8 -20.82 -27.52 18.15
C SER B 8 -19.56 -27.60 19.00
N SER B 9 -18.93 -28.78 18.99
CA SER B 9 -17.65 -28.97 19.66
CA SER B 9 -17.66 -28.95 19.67
C SER B 9 -16.58 -28.08 19.06
N LEU B 10 -16.76 -27.62 17.82
CA LEU B 10 -15.81 -26.71 17.19
C LEU B 10 -15.76 -25.37 17.93
N PHE B 11 -16.92 -24.91 18.41
CA PHE B 11 -17.03 -23.58 19.02
C PHE B 11 -16.57 -23.67 20.47
N THR B 12 -15.26 -23.67 20.65
CA THR B 12 -14.64 -23.66 21.97
C THR B 12 -13.60 -22.54 21.99
N TRP B 13 -13.74 -21.61 22.95
CA TRP B 13 -12.86 -20.46 22.99
C TRP B 13 -11.48 -20.79 23.56
N ASP B 14 -11.33 -21.91 24.27
CA ASP B 14 -10.03 -22.31 24.79
C ASP B 14 -9.26 -23.20 23.82
N PHE B 15 -9.70 -23.27 22.57
CA PHE B 15 -9.03 -24.09 21.56
C PHE B 15 -7.58 -23.65 21.38
N ASP B 16 -6.68 -24.63 21.36
CA ASP B 16 -5.27 -24.37 21.12
C ASP B 16 -4.72 -25.44 20.20
N ALA B 17 -3.80 -25.04 19.32
CA ALA B 17 -3.26 -25.92 18.30
C ALA B 17 -1.84 -26.38 18.59
N LEU B 18 -1.29 -26.00 19.75
CA LEU B 18 0.13 -26.15 19.99
C LEU B 18 0.57 -27.60 20.22
N ASP B 19 -0.37 -28.53 20.46
CA ASP B 19 0.00 -29.91 20.77
C ASP B 19 -0.80 -30.91 19.94
N LYS B 20 -1.15 -30.55 18.72
CA LYS B 20 -1.89 -31.44 17.83
C LYS B 20 -1.11 -31.68 16.56
N SER B 21 -1.21 -32.90 16.03
CA SER B 21 -0.51 -33.24 14.81
C SER B 21 -1.08 -32.49 13.62
N ASP B 22 -0.31 -32.47 12.52
CA ASP B 22 -0.76 -31.80 11.30
C ASP B 22 -2.08 -32.37 10.81
N GLU B 23 -2.24 -33.69 10.91
CA GLU B 23 -3.50 -34.32 10.52
C GLU B 23 -4.65 -33.85 11.43
N ASP B 24 -4.36 -33.62 12.71
CA ASP B 24 -5.40 -33.11 13.60
C ASP B 24 -5.78 -31.68 13.25
N LEU B 25 -4.80 -30.81 13.00
CA LEU B 25 -5.10 -29.43 12.62
C LEU B 25 -5.80 -29.38 11.27
N THR B 26 -5.37 -30.20 10.31
CA THR B 26 -5.99 -30.22 8.99
C THR B 26 -7.47 -30.56 9.08
N ALA B 27 -7.83 -31.51 9.95
CA ALA B 27 -9.23 -31.87 10.11
C ALA B 27 -10.02 -30.75 10.77
N VAL B 28 -9.38 -29.97 11.64
CA VAL B 28 -10.05 -28.80 12.22
C VAL B 28 -10.35 -27.78 11.12
N CYS B 29 -9.38 -27.55 10.24
CA CYS B 29 -9.61 -26.63 9.12
C CYS B 29 -10.80 -27.08 8.27
N VAL B 30 -10.86 -28.37 7.93
CA VAL B 30 -11.97 -28.88 7.13
C VAL B 30 -13.28 -28.71 7.88
N ARG B 31 -13.27 -28.94 9.19
CA ARG B 31 -14.50 -28.84 9.98
C ARG B 31 -15.00 -27.40 10.03
N VAL B 32 -14.10 -26.43 10.02
CA VAL B 32 -14.51 -25.03 9.95
C VAL B 32 -15.23 -24.76 8.64
N PHE B 33 -14.63 -25.19 7.52
CA PHE B 33 -15.26 -25.00 6.21
C PHE B 33 -16.59 -25.73 6.14
N GLN B 34 -16.65 -26.97 6.62
CA GLN B 34 -17.87 -27.76 6.60
C GLN B 34 -18.98 -27.05 7.37
N GLU B 35 -18.73 -26.74 8.64
CA GLU B 35 -19.78 -26.23 9.52
C GLU B 35 -20.10 -24.77 9.25
N LEU B 36 -19.30 -24.06 8.46
CA LEU B 36 -19.65 -22.72 8.05
C LEU B 36 -20.41 -22.69 6.73
N HIS B 37 -20.76 -23.87 6.18
CA HIS B 37 -21.60 -24.05 5.00
C HIS B 37 -21.00 -23.48 3.71
N VAL B 38 -19.71 -23.16 3.69
CA VAL B 38 -19.12 -22.61 2.46
C VAL B 38 -18.82 -23.71 1.46
N ILE B 39 -18.55 -24.93 1.92
CA ILE B 39 -18.32 -26.04 1.00
C ILE B 39 -19.57 -26.31 0.17
N GLU B 40 -20.73 -26.36 0.84
CA GLU B 40 -21.98 -26.61 0.13
C GLU B 40 -22.41 -25.39 -0.69
N GLN B 41 -22.12 -24.18 -0.20
CA GLN B 41 -22.64 -22.98 -0.85
C GLN B 41 -21.96 -22.71 -2.18
N PHE B 42 -20.67 -22.96 -2.28
CA PHE B 42 -19.92 -22.72 -3.50
C PHE B 42 -19.47 -24.01 -4.17
N ASN B 43 -20.04 -25.14 -3.77
CA ASN B 43 -19.73 -26.45 -4.37
CA ASN B 43 -19.72 -26.46 -4.35
C ASN B 43 -18.21 -26.67 -4.40
N ILE B 44 -17.58 -26.49 -3.24
CA ILE B 44 -16.13 -26.62 -3.17
C ILE B 44 -15.73 -28.08 -3.32
N ASP B 45 -14.77 -28.34 -4.20
CA ASP B 45 -14.29 -29.69 -4.41
C ASP B 45 -13.55 -30.16 -3.16
N GLU B 46 -13.95 -31.31 -2.62
CA GLU B 46 -13.29 -31.84 -1.44
C GLU B 46 -11.82 -32.14 -1.74
N LYS B 47 -11.54 -32.63 -2.94
CA LYS B 47 -10.16 -32.90 -3.33
C LYS B 47 -9.35 -31.61 -3.42
N LYS B 48 -9.94 -30.55 -3.95
CA LYS B 48 -9.22 -29.29 -4.06
C LYS B 48 -9.05 -28.63 -2.70
N LEU B 49 -10.04 -28.76 -1.81
CA LEU B 49 -9.87 -28.25 -0.45
C LEU B 49 -8.71 -28.94 0.24
N ARG B 50 -8.65 -30.28 0.15
CA ARG B 50 -7.55 -31.03 0.75
C ARG B 50 -6.22 -30.60 0.17
N LYS B 51 -6.15 -30.50 -1.16
CA LYS B 51 -4.89 -30.09 -1.80
C LYS B 51 -4.55 -28.64 -1.47
N TRP B 52 -5.56 -27.78 -1.33
CA TRP B 52 -5.32 -26.40 -0.93
C TRP B 52 -4.78 -26.34 0.50
N LEU B 53 -5.42 -27.07 1.42
CA LEU B 53 -4.93 -27.13 2.80
C LEU B 53 -3.50 -27.64 2.85
N GLN B 54 -3.20 -28.70 2.10
CA GLN B 54 -1.84 -29.23 2.06
C GLN B 54 -0.86 -28.20 1.53
N LYS B 55 -1.22 -27.52 0.43
CA LYS B 55 -0.30 -26.56 -0.16
C LYS B 55 -0.11 -25.34 0.73
N VAL B 56 -1.16 -24.92 1.45
CA VAL B 56 -1.02 -23.83 2.40
C VAL B 56 -0.09 -24.23 3.53
N ARG B 57 -0.25 -25.45 4.06
CA ARG B 57 0.56 -25.89 5.19
C ARG B 57 2.03 -25.97 4.82
N THR B 58 2.34 -26.53 3.66
CA THR B 58 3.74 -26.69 3.27
C THR B 58 4.38 -25.38 2.84
N GLN B 59 3.61 -24.32 2.62
CA GLN B 59 4.20 -23.00 2.38
C GLN B 59 4.52 -22.26 3.67
N TYR B 60 4.00 -22.71 4.81
CA TYR B 60 4.47 -22.21 6.08
C TYR B 60 5.80 -22.88 6.44
N ASN B 61 6.62 -22.16 7.20
CA ASN B 61 7.96 -22.61 7.53
C ASN B 61 8.01 -23.11 8.97
N LYS B 62 9.16 -23.66 9.34
CA LYS B 62 9.40 -24.14 10.69
C LYS B 62 9.90 -22.95 11.51
N ASN B 63 8.95 -22.24 12.12
CA ASN B 63 9.23 -21.13 13.00
C ASN B 63 8.66 -21.41 14.39
N PRO B 64 9.29 -20.90 15.44
CA PRO B 64 8.73 -21.10 16.79
C PRO B 64 7.32 -20.58 16.95
N PHE B 65 6.97 -19.48 16.29
CA PHE B 65 5.63 -18.90 16.39
C PHE B 65 4.90 -18.91 15.06
N HIS B 66 5.44 -18.25 14.03
CA HIS B 66 4.73 -18.05 12.76
C HIS B 66 4.82 -19.33 11.93
N ASN B 67 3.95 -20.28 12.26
CA ASN B 67 3.98 -21.60 11.67
C ASN B 67 2.55 -22.02 11.34
N TRP B 68 2.42 -23.25 10.84
CA TRP B 68 1.11 -23.78 10.46
C TRP B 68 0.13 -23.77 11.63
N ARG B 69 0.63 -23.95 12.86
CA ARG B 69 -0.26 -23.96 14.01
C ARG B 69 -0.78 -22.57 14.33
N HIS B 70 0.04 -21.53 14.12
CA HIS B 70 -0.46 -20.16 14.23
C HIS B 70 -1.55 -19.90 13.21
N ALA B 71 -1.36 -20.40 11.98
CA ALA B 71 -2.37 -20.18 10.94
C ALA B 71 -3.69 -20.83 11.30
N VAL B 72 -3.65 -22.05 11.85
CA VAL B 72 -4.89 -22.72 12.24
C VAL B 72 -5.53 -22.01 13.44
N MET B 73 -4.70 -21.52 14.37
CA MET B 73 -5.23 -20.73 15.48
C MET B 73 -5.99 -19.51 14.95
N VAL B 74 -5.40 -18.80 13.99
CA VAL B 74 -6.07 -17.62 13.45
C VAL B 74 -7.33 -18.00 12.70
N LEU B 75 -7.30 -19.11 11.95
CA LEU B 75 -8.49 -19.57 11.26
C LEU B 75 -9.59 -19.90 12.27
N HIS B 76 -9.25 -20.66 13.33
CA HIS B 76 -10.27 -21.03 14.31
C HIS B 76 -10.77 -19.82 15.08
N THR B 77 -9.87 -18.92 15.47
CA THR B 77 -10.31 -17.72 16.18
C THR B 77 -11.17 -16.83 15.28
N THR B 78 -10.81 -16.73 13.99
CA THR B 78 -11.67 -16.02 13.04
C THR B 78 -13.05 -16.64 12.98
N TYR B 79 -13.11 -17.98 12.93
CA TYR B 79 -14.39 -18.67 12.93
C TYR B 79 -15.16 -18.39 14.23
N LEU B 80 -14.45 -18.32 15.35
CA LEU B 80 -15.11 -17.97 16.61
C LEU B 80 -15.65 -16.54 16.56
N LEU B 81 -14.82 -15.60 16.14
CA LEU B 81 -15.23 -14.20 16.13
C LEU B 81 -16.39 -13.97 15.18
N LEU B 82 -16.27 -14.47 13.95
CA LEU B 82 -17.33 -14.24 12.96
C LEU B 82 -18.64 -14.90 13.37
N THR B 83 -18.57 -16.07 14.02
CA THR B 83 -19.78 -16.78 14.41
C THR B 83 -20.61 -15.97 15.41
N SER B 84 -19.94 -15.42 16.43
CA SER B 84 -20.64 -14.75 17.51
C SER B 84 -20.97 -13.30 17.23
N VAL B 85 -20.54 -12.75 16.09
CA VAL B 85 -20.65 -11.31 15.88
C VAL B 85 -21.14 -10.95 14.49
N ALA B 86 -20.69 -11.70 13.48
CA ALA B 86 -20.87 -11.27 12.09
C ALA B 86 -21.99 -11.99 11.34
N THR B 87 -22.69 -12.92 12.00
CA THR B 87 -23.65 -13.77 11.31
C THR B 87 -24.69 -12.98 10.52
N GLU B 88 -25.11 -11.83 11.04
CA GLU B 88 -26.26 -11.12 10.47
C GLU B 88 -25.90 -10.15 9.36
N PHE B 89 -24.62 -9.81 9.16
CA PHE B 89 -24.26 -8.90 8.08
C PHE B 89 -23.24 -9.44 7.08
N ILE B 90 -22.41 -10.43 7.44
CA ILE B 90 -21.42 -10.92 6.50
C ILE B 90 -22.11 -11.68 5.37
N THR B 91 -21.57 -11.54 4.16
CA THR B 91 -22.08 -12.32 3.05
C THR B 91 -21.39 -13.67 3.00
N GLU B 92 -21.94 -14.57 2.20
CA GLU B 92 -21.36 -15.90 2.11
C GLU B 92 -19.99 -15.86 1.42
N VAL B 93 -19.84 -15.01 0.40
CA VAL B 93 -18.54 -14.85 -0.26
C VAL B 93 -17.50 -14.37 0.74
N GLU B 94 -17.85 -13.37 1.55
CA GLU B 94 -16.91 -12.83 2.51
C GLU B 94 -16.53 -13.83 3.59
N LEU B 95 -17.49 -14.68 3.99
CA LEU B 95 -17.16 -15.72 4.96
C LEU B 95 -16.09 -16.67 4.43
N LEU B 96 -16.24 -17.12 3.18
CA LEU B 96 -15.21 -17.95 2.57
C LEU B 96 -13.89 -17.18 2.43
N ALA B 97 -13.98 -15.89 2.10
CA ALA B 97 -12.77 -15.08 1.96
C ALA B 97 -12.03 -14.96 3.28
N MET B 98 -12.76 -14.77 4.38
CA MET B 98 -12.12 -14.69 5.69
C MET B 98 -11.40 -15.98 6.04
N LEU B 99 -12.03 -17.12 5.75
CA LEU B 99 -11.40 -18.41 6.01
C LEU B 99 -10.08 -18.53 5.24
N ILE B 100 -10.12 -18.21 3.94
CA ILE B 100 -8.90 -18.27 3.13
C ILE B 100 -7.87 -17.27 3.63
N ALA B 101 -8.33 -16.07 4.02
CA ALA B 101 -7.40 -15.04 4.47
C ALA B 101 -6.74 -15.42 5.81
N ALA B 102 -7.53 -15.96 6.74
CA ALA B 102 -6.97 -16.29 8.05
C ALA B 102 -5.90 -17.37 7.94
N LEU B 103 -6.14 -18.37 7.10
CA LEU B 103 -5.18 -19.45 6.93
C LEU B 103 -3.95 -19.01 6.14
N SER B 104 -4.12 -18.05 5.23
CA SER B 104 -3.05 -17.61 4.35
C SER B 104 -2.28 -16.40 4.86
N HIS B 105 -2.67 -15.85 6.01
CA HIS B 105 -2.24 -14.50 6.36
C HIS B 105 -0.75 -14.39 6.68
N ASP B 106 -0.06 -15.49 6.93
CA ASP B 106 1.35 -15.44 7.27
C ASP B 106 2.18 -16.39 6.40
N LEU B 107 1.75 -16.60 5.15
CA LEU B 107 2.41 -17.58 4.29
C LEU B 107 3.89 -17.23 4.09
N ASP B 108 4.74 -18.24 4.30
CA ASP B 108 6.19 -18.13 4.09
C ASP B 108 6.83 -17.12 5.05
N HIS B 109 6.24 -16.95 6.23
CA HIS B 109 6.86 -16.14 7.26
C HIS B 109 8.13 -16.81 7.74
N ASN B 110 9.19 -16.01 7.92
CA ASN B 110 10.50 -16.50 8.31
C ASN B 110 10.93 -16.03 9.69
N GLY B 111 9.95 -15.70 10.54
CA GLY B 111 10.26 -15.24 11.88
C GLY B 111 11.00 -13.93 11.97
N LEU B 112 10.92 -13.11 10.93
CA LEU B 112 11.55 -11.79 10.91
C LEU B 112 10.51 -10.74 10.58
N THR B 113 10.58 -9.59 11.25
CA THR B 113 9.57 -8.57 11.09
C THR B 113 9.86 -7.70 9.86
N ASN B 114 8.92 -6.80 9.57
CA ASN B 114 9.11 -5.86 8.47
C ASN B 114 10.33 -4.98 8.69
N ALA B 115 10.61 -4.62 9.94
CA ALA B 115 11.77 -3.78 10.24
C ALA B 115 13.06 -4.42 9.74
N PHE B 116 13.19 -5.75 9.91
CA PHE B 116 14.39 -6.42 9.41
C PHE B 116 14.48 -6.32 7.89
N HIS B 117 13.37 -6.60 7.19
CA HIS B 117 13.35 -6.48 5.75
C HIS B 117 13.72 -5.07 5.30
N ILE B 118 13.14 -4.07 5.94
CA ILE B 118 13.40 -2.67 5.56
C ILE B 118 14.85 -2.31 5.83
N ASN B 119 15.32 -2.56 7.06
CA ASN B 119 16.69 -2.18 7.42
C ASN B 119 17.73 -2.93 6.60
N SER B 120 17.52 -4.24 6.39
CA SER B 120 18.47 -5.03 5.64
C SER B 120 18.38 -4.82 4.13
N ARG B 121 17.41 -4.03 3.66
CA ARG B 121 17.23 -3.75 2.23
C ARG B 121 17.05 -5.05 1.45
N SER B 122 16.29 -5.98 2.02
CA SER B 122 16.13 -7.31 1.43
C SER B 122 15.41 -7.22 0.09
N GLU B 123 15.34 -8.37 -0.59
CA GLU B 123 14.66 -8.44 -1.87
C GLU B 123 13.18 -8.11 -1.72
N LEU B 124 12.52 -8.65 -0.70
CA LEU B 124 11.11 -8.41 -0.50
C LEU B 124 10.82 -6.93 -0.26
N ALA B 125 11.70 -6.26 0.49
CA ALA B 125 11.52 -4.83 0.74
C ALA B 125 11.79 -4.00 -0.51
N LEU B 126 12.68 -4.47 -1.38
CA LEU B 126 12.93 -3.77 -2.64
C LEU B 126 11.71 -3.84 -3.55
N VAL B 127 11.10 -5.03 -3.67
CA VAL B 127 9.94 -5.21 -4.54
C VAL B 127 8.77 -4.38 -4.05
N TYR B 128 8.53 -4.37 -2.73
CA TYR B 128 7.33 -3.78 -2.17
C TYR B 128 7.55 -2.38 -1.60
N ASN B 129 8.67 -1.74 -1.92
CA ASN B 129 8.95 -0.35 -1.53
C ASN B 129 8.70 -0.12 -0.04
N ASP B 130 9.12 -1.06 0.79
CA ASP B 130 9.06 -0.97 2.25
C ASP B 130 7.62 -0.90 2.77
N GLN B 131 6.63 -1.08 1.91
CA GLN B 131 5.22 -0.98 2.29
C GLN B 131 4.71 -2.36 2.68
N SER B 132 4.39 -2.53 3.96
CA SER B 132 3.81 -3.77 4.49
C SER B 132 4.41 -5.00 3.80
N VAL B 133 5.73 -5.12 3.97
CA VAL B 133 6.52 -5.99 3.11
C VAL B 133 6.05 -7.44 3.22
N LEU B 134 6.02 -7.96 4.45
CA LEU B 134 5.62 -9.36 4.65
C LEU B 134 4.16 -9.59 4.26
N GLU B 135 3.28 -8.67 4.65
CA GLU B 135 1.85 -8.88 4.42
C GLU B 135 1.53 -8.89 2.93
N ASN B 136 2.18 -8.03 2.14
CA ASN B 136 2.05 -8.11 0.69
C ASN B 136 2.55 -9.45 0.16
N HIS B 137 3.64 -9.96 0.76
CA HIS B 137 4.17 -11.26 0.35
C HIS B 137 3.17 -12.37 0.67
N HIS B 138 2.62 -12.37 1.89
CA HIS B 138 1.62 -13.36 2.27
C HIS B 138 0.43 -13.34 1.32
N SER B 139 -0.08 -12.14 1.03
CA SER B 139 -1.26 -12.02 0.17
C SER B 139 -0.93 -12.44 -1.26
N HIS B 140 0.23 -12.05 -1.77
CA HIS B 140 0.65 -12.49 -3.10
C HIS B 140 0.71 -14.00 -3.17
N LEU B 141 1.38 -14.63 -2.20
CA LEU B 141 1.44 -16.08 -2.14
C LEU B 141 0.06 -16.69 -1.95
N ALA B 142 -0.83 -16.01 -1.24
CA ALA B 142 -2.18 -16.54 -1.00
C ALA B 142 -2.89 -16.81 -2.31
N PHE B 143 -2.82 -15.87 -3.26
CA PHE B 143 -3.52 -16.04 -4.53
C PHE B 143 -2.75 -16.94 -5.49
N GLU B 144 -1.42 -16.90 -5.45
CA GLU B 144 -0.63 -17.84 -6.25
C GLU B 144 -1.05 -19.27 -5.95
N ILE B 145 -1.23 -19.60 -4.67
CA ILE B 145 -1.72 -20.92 -4.30
C ILE B 145 -3.17 -21.10 -4.77
N LEU B 146 -4.01 -20.10 -4.52
CA LEU B 146 -5.45 -20.23 -4.71
C LEU B 146 -5.81 -20.43 -6.18
N LEU B 147 -5.07 -19.82 -7.10
CA LEU B 147 -5.43 -19.86 -8.52
C LEU B 147 -4.76 -21.00 -9.27
N GLU B 148 -4.11 -21.92 -8.57
CA GLU B 148 -3.65 -23.17 -9.18
C GLU B 148 -4.83 -24.12 -9.30
N LYS B 149 -4.97 -24.74 -10.48
CA LYS B 149 -6.17 -25.52 -10.80
C LYS B 149 -6.48 -26.57 -9.73
N GLY B 150 -5.47 -27.34 -9.32
CA GLY B 150 -5.68 -28.37 -8.31
C GLY B 150 -6.10 -27.84 -6.96
N CYS B 151 -5.83 -26.56 -6.66
CA CYS B 151 -6.09 -25.98 -5.35
C CYS B 151 -7.17 -24.90 -5.36
N ASN B 152 -7.90 -24.75 -6.47
CA ASN B 152 -8.78 -23.59 -6.62
C ASN B 152 -10.14 -23.88 -5.97
N VAL B 153 -10.24 -23.56 -4.68
CA VAL B 153 -11.50 -23.77 -3.97
C VAL B 153 -12.54 -22.71 -4.26
N VAL B 154 -12.19 -21.63 -4.96
CA VAL B 154 -13.16 -20.62 -5.36
C VAL B 154 -13.48 -20.73 -6.86
N GLU B 155 -13.19 -21.87 -7.48
CA GLU B 155 -13.33 -22.01 -8.92
C GLU B 155 -14.76 -21.81 -9.41
N ASN B 156 -15.75 -21.94 -8.53
CA ASN B 156 -17.15 -21.84 -8.92
C ASN B 156 -17.76 -20.47 -8.62
N LEU B 157 -16.99 -19.54 -8.07
CA LEU B 157 -17.49 -18.17 -7.93
C LEU B 157 -17.52 -17.49 -9.29
N ASP B 158 -18.51 -16.61 -9.48
CA ASP B 158 -18.52 -15.79 -10.68
C ASP B 158 -17.52 -14.66 -10.52
N GLU B 159 -17.39 -13.82 -11.54
CA GLU B 159 -16.37 -12.77 -11.53
CA GLU B 159 -16.34 -12.80 -11.49
C GLU B 159 -16.67 -11.68 -10.51
N ASP B 160 -17.96 -11.39 -10.29
CA ASP B 160 -18.30 -10.37 -9.30
C ASP B 160 -18.05 -10.89 -7.89
N GLU B 161 -18.35 -12.15 -7.63
CA GLU B 161 -18.05 -12.74 -6.33
C GLU B 161 -16.56 -12.84 -6.09
N PHE B 162 -15.80 -13.26 -7.11
CA PHE B 162 -14.36 -13.39 -6.93
C PHE B 162 -13.72 -12.03 -6.70
N LYS B 163 -14.21 -11.00 -7.40
CA LYS B 163 -13.69 -9.64 -7.21
C LYS B 163 -13.84 -9.21 -5.75
N ARG B 164 -14.99 -9.47 -5.14
CA ARG B 164 -15.19 -9.10 -3.74
C ARG B 164 -14.37 -9.99 -2.82
N LEU B 165 -14.32 -11.30 -3.11
CA LEU B 165 -13.49 -12.20 -2.31
C LEU B 165 -12.04 -11.78 -2.33
N ARG B 166 -11.52 -11.42 -3.51
CA ARG B 166 -10.14 -10.97 -3.61
C ARG B 166 -9.91 -9.69 -2.80
N ALA B 167 -10.83 -8.74 -2.90
CA ALA B 167 -10.66 -7.48 -2.15
C ALA B 167 -10.67 -7.72 -0.65
N VAL B 168 -11.52 -8.64 -0.18
CA VAL B 168 -11.60 -8.91 1.26
C VAL B 168 -10.31 -9.56 1.75
N ILE B 169 -9.79 -10.55 1.02
CA ILE B 169 -8.56 -11.22 1.42
C ILE B 169 -7.40 -10.23 1.45
N ILE B 170 -7.25 -9.44 0.38
CA ILE B 170 -6.16 -8.48 0.29
C ILE B 170 -6.22 -7.48 1.45
N ASN B 171 -7.40 -6.89 1.68
CA ASN B 171 -7.51 -5.86 2.71
C ASN B 171 -7.31 -6.45 4.10
N CYS B 172 -7.84 -7.65 4.34
CA CYS B 172 -7.73 -8.24 5.67
C CYS B 172 -6.29 -8.65 5.97
N ILE B 173 -5.58 -9.20 4.99
CA ILE B 173 -4.20 -9.63 5.23
C ILE B 173 -3.30 -8.42 5.42
N LEU B 174 -3.43 -7.41 4.54
CA LEU B 174 -2.59 -6.22 4.69
C LEU B 174 -2.86 -5.51 6.01
N ASN B 175 -4.05 -5.68 6.58
CA ASN B 175 -4.37 -5.06 7.85
C ASN B 175 -3.88 -5.85 9.06
N THR B 176 -3.27 -7.02 8.86
CA THR B 176 -2.57 -7.68 9.96
C THR B 176 -1.18 -7.08 10.21
N ASP B 177 -0.77 -6.10 9.40
CA ASP B 177 0.47 -5.38 9.66
C ASP B 177 0.29 -4.47 10.87
N MET B 178 1.17 -4.63 11.86
CA MET B 178 1.06 -3.85 13.09
C MET B 178 1.18 -2.35 12.85
N ALA B 179 1.77 -1.93 11.74
CA ALA B 179 1.90 -0.51 11.46
C ALA B 179 0.56 0.17 11.22
N THR B 180 -0.51 -0.59 10.99
CA THR B 180 -1.85 -0.05 10.81
C THR B 180 -2.77 -0.35 11.98
N HIS B 181 -2.23 -0.83 13.11
CA HIS B 181 -3.07 -1.08 14.27
C HIS B 181 -3.70 0.21 14.78
N HIS B 182 -2.88 1.24 14.98
CA HIS B 182 -3.42 2.51 15.48
C HIS B 182 -4.40 3.13 14.50
N THR B 183 -4.18 2.94 13.20
CA THR B 183 -5.11 3.46 12.20
C THR B 183 -6.49 2.87 12.39
N LYS B 184 -6.58 1.55 12.56
CA LYS B 184 -7.88 0.91 12.77
C LYS B 184 -8.44 1.21 14.15
N LEU B 185 -7.57 1.37 15.16
CA LEU B 185 -8.07 1.70 16.49
C LEU B 185 -8.70 3.09 16.51
N SER B 186 -8.10 4.06 15.80
CA SER B 186 -8.67 5.40 15.75
C SER B 186 -10.04 5.38 15.07
N LYS B 187 -10.16 4.69 13.93
CA LYS B 187 -11.46 4.63 13.26
C LYS B 187 -12.50 3.98 14.17
N MET B 188 -12.12 2.93 14.89
CA MET B 188 -13.08 2.24 15.75
C MET B 188 -13.53 3.13 16.91
N GLU B 189 -12.62 3.95 17.45
CA GLU B 189 -13.01 4.89 18.49
C GLU B 189 -14.03 5.90 17.96
N GLU B 190 -13.88 6.32 16.70
CA GLU B 190 -14.85 7.22 16.10
C GLU B 190 -16.22 6.57 15.97
N VAL B 191 -16.26 5.31 15.51
CA VAL B 191 -17.53 4.61 15.35
C VAL B 191 -18.23 4.46 16.69
N ASN B 192 -17.48 4.13 17.74
CA ASN B 192 -18.08 4.00 19.07
C ASN B 192 -18.60 5.34 19.58
N ARG B 193 -17.92 6.43 19.25
CA ARG B 193 -18.41 7.74 19.63
C ARG B 193 -19.64 8.15 18.82
N LEU B 194 -19.86 7.55 17.65
CA LEU B 194 -21.05 7.80 16.85
C LEU B 194 -22.19 6.87 17.21
N GLY B 195 -22.05 6.03 18.23
CA GLY B 195 -23.08 5.10 18.63
C GLY B 195 -22.89 3.68 18.13
N GLY B 196 -21.89 3.42 17.33
CA GLY B 196 -21.61 2.08 16.83
C GLY B 196 -21.98 1.92 15.37
N PHE B 197 -21.63 0.75 14.85
CA PHE B 197 -21.92 0.44 13.45
C PHE B 197 -23.42 0.31 13.22
N ILE B 198 -23.87 0.86 12.09
CA ILE B 198 -25.28 0.81 11.70
C ILE B 198 -25.35 0.40 10.23
N ASN B 199 -26.21 -0.59 9.94
CA ASN B 199 -26.47 -1.05 8.57
C ASN B 199 -25.19 -1.56 7.89
N LEU B 200 -24.53 -2.50 8.57
CA LEU B 200 -23.34 -3.13 8.00
C LEU B 200 -23.67 -3.89 6.72
N ALA B 201 -24.87 -4.47 6.63
CA ALA B 201 -25.26 -5.21 5.45
C ALA B 201 -25.33 -4.34 4.20
N GLU B 202 -25.53 -3.03 4.36
CA GLU B 202 -25.61 -2.11 3.24
C GLU B 202 -24.30 -1.39 2.96
N ASN B 203 -23.36 -1.39 3.90
CA ASN B 203 -22.14 -0.60 3.83
C ASN B 203 -20.98 -1.53 3.51
N ASN B 204 -20.73 -1.75 2.21
CA ASN B 204 -19.67 -2.66 1.80
C ASN B 204 -18.31 -2.19 2.31
N ASP B 205 -18.07 -0.88 2.30
CA ASP B 205 -16.78 -0.35 2.74
C ASP B 205 -16.59 -0.55 4.24
N GLN B 206 -17.57 -0.16 5.05
CA GLN B 206 -17.42 -0.30 6.49
C GLN B 206 -17.54 -1.75 6.92
N ARG B 207 -18.28 -2.57 6.18
CA ARG B 207 -18.31 -4.00 6.49
C ARG B 207 -16.93 -4.63 6.27
N LEU B 208 -16.25 -4.22 5.19
CA LEU B 208 -14.88 -4.68 4.99
C LEU B 208 -13.98 -4.25 6.14
N PHE B 209 -14.19 -3.03 6.65
CA PHE B 209 -13.40 -2.55 7.78
C PHE B 209 -13.59 -3.44 9.01
N VAL B 210 -14.85 -3.85 9.27
CA VAL B 210 -15.11 -4.73 10.41
C VAL B 210 -14.39 -6.07 10.24
N LEU B 211 -14.42 -6.62 9.02
CA LEU B 211 -13.72 -7.88 8.77
C LEU B 211 -12.23 -7.74 9.03
N ALA B 212 -11.61 -6.70 8.47
CA ALA B 212 -10.20 -6.43 8.75
C ALA B 212 -9.94 -6.32 10.24
N VAL B 213 -10.83 -5.63 10.96
CA VAL B 213 -10.71 -5.54 12.42
C VAL B 213 -10.78 -6.92 13.04
N LEU B 214 -11.74 -7.73 12.59
CA LEU B 214 -11.93 -9.06 13.17
C LEU B 214 -10.72 -9.97 12.93
N LEU B 215 -10.17 -9.96 11.72
CA LEU B 215 -9.02 -10.81 11.43
C LEU B 215 -7.80 -10.38 12.24
N HIS B 216 -7.58 -9.07 12.35
CA HIS B 216 -6.50 -8.58 13.19
C HIS B 216 -6.69 -9.02 14.63
N THR B 217 -7.95 -9.09 15.08
CA THR B 217 -8.24 -9.58 16.43
C THR B 217 -7.91 -11.06 16.56
N ALA B 218 -8.27 -11.86 15.55
CA ALA B 218 -7.94 -13.28 15.58
C ALA B 218 -6.43 -13.49 15.56
N ASP B 219 -5.70 -12.64 14.83
CA ASP B 219 -4.25 -12.77 14.75
C ASP B 219 -3.59 -12.56 16.11
N LEU B 220 -4.21 -11.77 16.97
CA LEU B 220 -3.69 -11.52 18.32
C LEU B 220 -4.38 -12.44 19.32
N HIS B 221 -4.22 -13.75 19.07
CA HIS B 221 -4.95 -14.76 19.81
C HIS B 221 -4.35 -15.10 21.17
N ASN B 222 -3.08 -14.73 21.43
CA ASN B 222 -2.44 -15.11 22.69
C ASN B 222 -3.19 -14.60 23.91
N PRO B 223 -3.39 -13.30 24.11
CA PRO B 223 -3.94 -12.82 25.39
C PRO B 223 -5.42 -13.13 25.59
N ILE B 224 -6.11 -13.68 24.59
CA ILE B 224 -7.50 -14.06 24.75
C ILE B 224 -7.67 -15.56 24.91
N LYS B 225 -6.57 -16.28 25.09
CA LYS B 225 -6.58 -17.72 25.37
C LYS B 225 -6.25 -17.98 26.84
N PRO B 226 -6.49 -19.19 27.33
CA PRO B 226 -6.03 -19.54 28.69
C PRO B 226 -4.54 -19.30 28.85
N PHE B 227 -4.15 -18.95 30.09
CA PHE B 227 -2.79 -18.45 30.31
C PHE B 227 -1.74 -19.49 30.00
N GLU B 228 -2.00 -20.76 30.32
CA GLU B 228 -1.02 -21.80 30.01
C GLU B 228 -0.80 -21.93 28.51
N SER B 229 -1.84 -21.66 27.72
CA SER B 229 -1.65 -21.54 26.28
C SER B 229 -0.94 -20.25 25.93
N ASN B 230 -1.38 -19.13 26.52
CA ASN B 230 -0.82 -17.83 26.19
C ASN B 230 0.68 -17.78 26.47
N LYS B 231 1.11 -18.30 27.63
CA LYS B 231 2.52 -18.20 28.01
C LYS B 231 3.42 -18.92 27.02
N ARG B 232 2.98 -20.08 26.52
CA ARG B 232 3.81 -20.83 25.59
C ARG B 232 3.96 -20.11 24.26
N TRP B 233 2.84 -19.62 23.71
CA TRP B 233 2.91 -18.87 22.45
C TRP B 233 3.76 -17.61 22.61
N SER B 234 3.64 -16.92 23.74
CA SER B 234 4.43 -15.72 23.97
C SER B 234 5.92 -16.03 24.04
N ALA B 235 6.28 -17.13 24.70
CA ALA B 235 7.69 -17.52 24.75
C ALA B 235 8.22 -17.87 23.37
N ARG B 236 7.38 -18.43 22.50
CA ARG B 236 7.83 -18.74 21.15
C ARG B 236 8.09 -17.47 20.34
N LEU B 237 7.23 -16.46 20.49
CA LEU B 237 7.49 -15.19 19.81
C LEU B 237 8.75 -14.54 20.35
N GLN B 238 8.99 -14.65 21.65
CA GLN B 238 10.24 -14.15 22.23
C GLN B 238 11.44 -14.82 21.58
N LYS B 239 11.35 -16.12 21.31
CA LYS B 239 12.45 -16.82 20.66
C LYS B 239 12.68 -16.30 19.25
N GLU B 240 11.60 -16.03 18.51
CA GLU B 240 11.74 -15.41 17.20
C GLU B 240 12.41 -14.04 17.31
N PHE B 241 12.03 -13.26 18.33
CA PHE B 241 12.65 -11.96 18.55
C PHE B 241 14.13 -12.10 18.88
N ASN B 242 14.45 -13.00 19.82
CA ASN B 242 15.85 -13.25 20.14
C ASN B 242 16.64 -13.70 18.92
N ASN B 243 16.04 -14.56 18.10
CA ASN B 243 16.72 -15.00 16.87
C ASN B 243 16.97 -13.84 15.93
N GLN B 244 16.02 -12.92 15.83
CA GLN B 244 16.18 -11.78 14.93
C GLN B 244 17.27 -10.84 15.41
N VAL B 245 17.38 -10.62 16.72
CA VAL B 245 18.42 -9.75 17.26
C VAL B 245 19.80 -10.32 16.94
N GLU B 246 19.97 -11.63 17.10
CA GLU B 246 21.26 -12.25 16.81
C GLU B 246 21.61 -12.09 15.33
N LEU B 247 20.63 -12.31 14.45
CA LEU B 247 20.88 -12.14 13.02
C LEU B 247 21.19 -10.70 12.68
N GLU B 248 20.41 -9.75 13.22
CA GLU B 248 20.69 -8.35 12.99
C GLU B 248 22.05 -7.96 13.56
N ALA B 249 22.47 -8.60 14.65
CA ALA B 249 23.80 -8.36 15.18
C ALA B 249 24.87 -8.81 14.19
N LYS B 250 24.72 -10.03 13.66
CA LYS B 250 25.69 -10.56 12.71
C LYS B 250 25.84 -9.68 11.47
N MET B 251 24.79 -8.93 11.12
CA MET B 251 24.77 -8.14 9.90
C MET B 251 24.98 -6.66 10.15
N ASN B 252 25.25 -6.26 11.40
CA ASN B 252 25.49 -4.86 11.77
C ASN B 252 24.29 -3.98 11.40
N LEU B 253 23.11 -4.45 11.74
CA LEU B 253 21.85 -3.75 11.59
C LEU B 253 21.26 -3.43 12.96
N PRO B 254 20.49 -2.36 13.08
CA PRO B 254 19.94 -2.00 14.39
C PRO B 254 18.98 -3.06 14.90
N SER B 255 18.84 -3.10 16.22
CA SER B 255 17.90 -4.00 16.88
C SER B 255 16.98 -3.21 17.79
N LEU B 256 15.77 -3.71 17.96
CA LEU B 256 14.82 -3.07 18.86
C LEU B 256 15.03 -3.59 20.29
N PRO B 257 14.80 -2.73 21.29
CA PRO B 257 15.11 -3.14 22.67
C PRO B 257 14.17 -4.18 23.23
N PHE B 258 12.89 -4.16 22.86
CA PHE B 258 11.95 -5.13 23.41
C PHE B 258 12.17 -6.53 22.85
N MET B 259 13.04 -6.69 21.85
CA MET B 259 13.39 -8.00 21.31
C MET B 259 14.61 -8.61 21.98
N ARG B 260 15.33 -7.86 22.82
CA ARG B 260 16.58 -8.36 23.39
C ARG B 260 16.34 -9.27 24.59
N GLY B 261 15.31 -8.97 25.38
CA GLY B 261 15.05 -9.79 26.56
C GLY B 261 14.80 -11.23 26.19
N ASN B 262 15.35 -12.14 27.00
CA ASN B 262 15.35 -13.55 26.64
C ASN B 262 15.01 -14.50 27.78
N ASP B 263 14.52 -14.00 28.91
CA ASP B 263 14.19 -14.84 30.05
C ASP B 263 12.73 -14.64 30.44
N GLU B 264 12.32 -15.35 31.50
CA GLU B 264 10.94 -15.25 31.95
C GLU B 264 10.62 -13.86 32.50
N GLU B 265 11.62 -13.18 33.06
CA GLU B 265 11.39 -11.83 33.56
C GLU B 265 11.05 -10.87 32.41
N SER B 266 11.83 -10.93 31.33
CA SER B 266 11.58 -10.05 30.19
C SER B 266 10.26 -10.41 29.50
N LEU B 267 9.93 -11.70 29.43
CA LEU B 267 8.68 -12.11 28.81
C LEU B 267 7.48 -11.55 29.57
N ALA B 268 7.56 -11.54 30.90
CA ALA B 268 6.48 -10.95 31.69
C ALA B 268 6.39 -9.45 31.47
N LYS B 269 7.55 -8.76 31.50
CA LYS B 269 7.56 -7.32 31.28
C LYS B 269 6.93 -6.95 29.94
N GLY B 270 7.29 -7.67 28.88
CA GLY B 270 6.79 -7.33 27.57
C GLY B 270 5.31 -7.62 27.40
N GLU B 271 4.86 -8.77 27.92
CA GLU B 271 3.45 -9.13 27.78
C GLU B 271 2.55 -8.21 28.59
N ILE B 272 3.05 -7.65 29.68
CA ILE B 272 2.28 -6.68 30.45
C ILE B 272 2.08 -5.41 29.65
N GLY B 273 3.15 -4.91 29.04
CA GLY B 273 3.04 -3.71 28.22
C GLY B 273 2.22 -3.94 26.96
N PHE B 274 2.36 -5.13 26.36
CA PHE B 274 1.59 -5.45 25.16
C PHE B 274 0.10 -5.48 25.47
N ILE B 275 -0.28 -6.05 26.62
CA ILE B 275 -1.69 -6.09 26.99
C ILE B 275 -2.19 -4.70 27.34
N ASN B 276 -1.41 -3.94 28.12
CA ASN B 276 -1.89 -2.64 28.59
C ASN B 276 -1.97 -1.62 27.47
N PHE B 277 -1.01 -1.62 26.56
CA PHE B 277 -0.90 -0.56 25.57
C PHE B 277 -1.47 -0.93 24.22
N VAL B 278 -1.74 -2.21 23.95
CA VAL B 278 -2.20 -2.63 22.64
C VAL B 278 -3.48 -3.45 22.77
N VAL B 279 -3.38 -4.59 23.47
CA VAL B 279 -4.46 -5.58 23.46
C VAL B 279 -5.71 -5.05 24.15
N LYS B 280 -5.55 -4.52 25.35
CA LYS B 280 -6.70 -4.08 26.14
C LYS B 280 -7.38 -2.88 25.50
N PRO B 281 -6.67 -1.82 25.10
CA PRO B 281 -7.36 -0.72 24.38
C PRO B 281 -8.10 -1.19 23.15
N TRP B 282 -7.52 -2.13 22.40
CA TRP B 282 -8.17 -2.64 21.20
C TRP B 282 -9.50 -3.34 21.54
N HIS B 283 -9.47 -4.20 22.55
CA HIS B 283 -10.69 -4.95 22.89
C HIS B 283 -11.71 -4.11 23.63
N GLN B 284 -11.28 -3.10 24.39
CA GLN B 284 -12.25 -2.18 24.98
C GLN B 284 -13.04 -1.46 23.89
N GLN B 285 -12.42 -1.17 22.75
CA GLN B 285 -13.16 -0.59 21.63
C GLN B 285 -13.95 -1.67 20.89
N LEU B 286 -13.37 -2.85 20.70
CA LEU B 286 -14.06 -3.92 19.98
C LEU B 286 -15.34 -4.33 20.68
N SER B 287 -15.26 -4.56 22.00
CA SER B 287 -16.44 -4.97 22.75
C SER B 287 -17.45 -3.84 22.89
N GLN B 288 -17.03 -2.58 22.79
CA GLN B 288 -18.00 -1.49 22.71
C GLN B 288 -18.87 -1.62 21.47
N ALA B 289 -18.24 -1.84 20.31
CA ALA B 289 -19.02 -2.00 19.08
C ALA B 289 -19.72 -3.34 19.03
N PHE B 290 -19.13 -4.38 19.62
CA PHE B 290 -19.69 -5.74 19.60
C PHE B 290 -19.78 -6.26 21.02
N PRO B 291 -20.85 -5.92 21.74
CA PRO B 291 -20.94 -6.30 23.17
C PRO B 291 -20.89 -7.81 23.41
N LYS B 292 -21.19 -8.64 22.41
CA LYS B 292 -21.11 -10.07 22.64
C LYS B 292 -19.68 -10.56 22.85
N LEU B 293 -18.69 -9.69 22.67
CA LEU B 293 -17.29 -10.05 22.87
C LEU B 293 -16.71 -9.50 24.16
N ASP B 294 -17.55 -8.92 25.03
CA ASP B 294 -17.00 -8.29 26.24
C ASP B 294 -16.46 -9.31 27.24
N PHE B 295 -16.85 -10.58 27.12
CA PHE B 295 -16.26 -11.60 27.99
C PHE B 295 -14.76 -11.74 27.77
N LEU B 296 -14.25 -11.30 26.62
CA LEU B 296 -12.82 -11.40 26.34
C LEU B 296 -11.98 -10.47 27.22
N LEU B 297 -12.58 -9.39 27.72
CA LEU B 297 -11.84 -8.51 28.62
C LEU B 297 -11.47 -9.23 29.92
N ASP B 298 -12.35 -10.11 30.40
CA ASP B 298 -12.01 -10.92 31.57
C ASP B 298 -10.85 -11.86 31.26
N THR B 299 -10.88 -12.50 30.09
CA THR B 299 -9.81 -13.39 29.71
C THR B 299 -8.48 -12.65 29.60
N ILE B 300 -8.50 -11.45 29.02
CA ILE B 300 -7.30 -10.63 28.93
C ILE B 300 -6.82 -10.24 30.32
N ASP B 301 -7.75 -9.83 31.19
CA ASP B 301 -7.37 -9.44 32.55
C ASP B 301 -6.81 -10.62 33.33
N ALA B 302 -7.37 -11.81 33.13
CA ALA B 302 -6.85 -13.01 33.78
C ALA B 302 -5.40 -13.26 33.42
N ASN B 303 -5.07 -13.15 32.12
CA ASN B 303 -3.68 -13.30 31.71
C ASN B 303 -2.82 -12.15 32.21
N LEU B 304 -3.37 -10.92 32.22
CA LEU B 304 -2.63 -9.79 32.77
C LEU B 304 -2.28 -10.01 34.23
N ALA B 305 -3.20 -10.57 35.01
CA ALA B 305 -2.92 -10.84 36.42
C ALA B 305 -1.85 -11.92 36.57
N GLU B 306 -1.87 -12.92 35.69
CA GLU B 306 -0.85 -13.98 35.78
C GLU B 306 0.52 -13.46 35.36
N TRP B 307 0.58 -12.60 34.34
CA TRP B 307 1.85 -11.99 33.96
C TRP B 307 2.38 -11.06 35.04
N LYS B 308 1.49 -10.43 35.82
CA LYS B 308 1.95 -9.53 36.86
C LYS B 308 2.42 -10.27 38.10
N ALA B 309 1.74 -11.38 38.45
CA ALA B 309 2.22 -12.20 39.56
C ALA B 309 3.60 -12.77 39.28
N ILE B 310 3.90 -13.02 38.01
CA ILE B 310 5.26 -13.44 37.64
C ILE B 310 6.22 -12.28 37.75
N ALA B 311 5.83 -11.12 37.24
CA ALA B 311 6.67 -9.93 37.36
C ALA B 311 6.90 -9.54 38.81
N GLU B 312 5.90 -9.77 39.67
CA GLU B 312 6.05 -9.40 41.07
C GLU B 312 7.07 -10.28 41.77
N SER B 313 7.13 -11.57 41.40
CA SER B 313 8.10 -12.47 42.04
C SER B 313 9.54 -12.04 41.76
N TYR B 314 9.82 -11.65 40.51
CA TYR B 314 11.18 -11.25 40.17
C TYR B 314 11.58 -9.94 40.84
N ARG B 315 10.61 -9.08 41.17
CA ARG B 315 10.93 -7.86 41.89
C ARG B 315 11.23 -8.13 43.36
N GLN B 316 10.69 -9.19 43.92
CA GLN B 316 11.00 -9.55 45.31
C GLN B 316 12.45 -10.02 45.43
N MET B 317 12.87 -10.92 44.54
CA MET B 317 14.23 -11.45 44.57
C MET B 317 15.16 -10.62 43.69
#